data_7HCR
#
_entry.id   7HCR
#
_cell.length_a   88.714
_cell.length_b   88.714
_cell.length_c   39.413
_cell.angle_alpha   90.000
_cell.angle_beta   90.000
_cell.angle_gamma   90.000
#
_symmetry.space_group_name_H-M   'P 43'
#
loop_
_entity.id
_entity.type
_entity.pdbx_description
1 polymer 'Non-structural protein 3'
2 non-polymer 'DIMETHYL SULFOXIDE'
3 non-polymer (3S)-3-hydroxy-1-(7H-pyrrolo[2,3-d]pyrimidin-4-yl)pyrrolidine-3-carboxamide
4 non-polymer (3R)-3-hydroxy-1-(7H-pyrrolo[2,3-d]pyrimidin-4-yl)pyrrolidine-3-carboxamide
5 non-polymer 'CHLORIDE ION'
6 water water
#
_entity_poly.entity_id   1
_entity_poly.type   'polypeptide(L)'
_entity_poly.pdbx_seq_one_letter_code
;SMVNSFSGYLKLTDNVYIKNADIVEEAKKVKPTVVVNAANVYLKHGGGVAGALNKATNNAMQVESDDYIATNGPLKVGGS
CVLSGHNLAKHCLHVVGPNVNKGEDIQLLKSAYENFNQHEVLLAPLLSAGIFGADPIHSLRVCVDTVRTNVYLAVFDKNL
YDKLVSSFL
;
_entity_poly.pdbx_strand_id   A,B
#
loop_
_chem_comp.id
_chem_comp.type
_chem_comp.name
_chem_comp.formula
A1A56 non-polymer (3S)-3-hydroxy-1-(7H-pyrrolo[2,3-d]pyrimidin-4-yl)pyrrolidine-3-carboxamide 'C11 H13 N5 O2'
A1A57 non-polymer (3R)-3-hydroxy-1-(7H-pyrrolo[2,3-d]pyrimidin-4-yl)pyrrolidine-3-carboxamide 'C11 H13 N5 O2'
CL non-polymer 'CHLORIDE ION' 'Cl -1'
DMS non-polymer 'DIMETHYL SULFOXIDE' 'C2 H6 O S'
#
# COMPACT_ATOMS: atom_id res chain seq x y z
N VAL A 3 12.46 16.52 -12.30
N VAL A 3 12.68 16.66 -11.98
CA VAL A 3 13.83 16.38 -11.80
CA VAL A 3 14.06 16.53 -11.55
C VAL A 3 13.84 16.41 -10.28
C VAL A 3 14.15 16.53 -10.03
N ASN A 4 14.60 15.51 -9.68
N ASN A 4 14.88 15.57 -9.47
CA ASN A 4 14.79 15.46 -8.23
CA ASN A 4 15.08 15.50 -8.02
C ASN A 4 16.28 15.34 -7.92
C ASN A 4 16.56 15.41 -7.69
N SER A 5 16.60 15.31 -6.62
N SER A 5 16.87 15.22 -6.40
CA SER A 5 17.97 15.40 -6.16
CA SER A 5 18.24 15.31 -5.91
C SER A 5 18.60 14.05 -5.84
C SER A 5 18.88 13.96 -5.62
N PHE A 6 17.97 12.95 -6.24
N PHE A 6 18.26 12.86 -6.04
CA PHE A 6 18.59 11.64 -6.07
CA PHE A 6 18.90 11.57 -5.93
C PHE A 6 19.73 11.48 -7.07
C PHE A 6 20.00 11.46 -6.99
N SER A 7 20.88 11.00 -6.59
N SER A 7 21.12 10.85 -6.62
CA SER A 7 22.11 10.97 -7.37
CA SER A 7 22.28 10.79 -7.52
C SER A 7 22.72 9.57 -7.37
C SER A 7 22.96 9.44 -7.43
N GLY A 8 23.32 9.21 -8.50
N GLY A 8 23.38 8.92 -8.58
CA GLY A 8 24.09 7.98 -8.58
CA GLY A 8 24.11 7.67 -8.63
C GLY A 8 23.29 6.71 -8.63
C GLY A 8 23.27 6.42 -8.75
N TYR A 9 21.99 6.78 -8.94
N TYR A 9 21.98 6.56 -9.09
CA TYR A 9 21.18 5.57 -9.02
CA TYR A 9 21.08 5.41 -9.11
C TYR A 9 21.28 4.95 -10.40
C TYR A 9 21.02 4.78 -10.50
N LEU A 10 21.24 3.62 -10.43
N LEU A 10 20.99 3.45 -10.52
CA LEU A 10 21.03 2.88 -11.64
CA LEU A 10 20.78 2.68 -11.73
C LEU A 10 19.53 2.82 -11.90
C LEU A 10 19.28 2.61 -12.01
N LYS A 11 19.14 3.01 -13.16
N LYS A 11 18.88 2.92 -13.23
CA LYS A 11 17.72 3.03 -13.54
CA LYS A 11 17.49 2.82 -13.63
C LYS A 11 17.32 1.62 -13.96
C LYS A 11 17.19 1.36 -13.97
N LEU A 12 16.43 0.99 -13.18
N LEU A 12 16.13 0.81 -13.37
CA LEU A 12 15.98 -0.35 -13.53
CA LEU A 12 15.69 -0.55 -13.69
C LEU A 12 14.79 -0.34 -14.49
C LEU A 12 14.49 -0.57 -14.62
N THR A 13 13.85 0.56 -14.27
N THR A 13 13.51 0.30 -14.39
CA THR A 13 12.64 0.67 -15.08
CA THR A 13 12.31 0.37 -15.22
C THR A 13 12.28 2.14 -15.23
C THR A 13 11.92 1.84 -15.32
N ASP A 14 11.12 2.39 -15.82
N ASP A 14 10.77 2.09 -15.94
CA ASP A 14 10.60 3.73 -15.96
CA ASP A 14 10.28 3.46 -16.04
C ASP A 14 10.61 4.48 -14.62
C ASP A 14 10.23 4.16 -14.68
N ASN A 15 10.28 3.79 -13.53
N ASN A 15 9.98 3.41 -13.59
CA ASN A 15 10.04 4.46 -12.25
CA ASN A 15 9.71 4.02 -12.30
C ASN A 15 10.86 3.93 -11.07
C ASN A 15 10.52 3.48 -11.13
N VAL A 16 11.67 2.88 -11.25
N VAL A 16 11.40 2.48 -11.34
CA VAL A 16 12.42 2.27 -10.17
CA VAL A 16 12.18 1.88 -10.26
C VAL A 16 13.91 2.47 -10.41
C VAL A 16 13.67 2.14 -10.50
N TYR A 17 14.60 2.94 -9.36
N TYR A 17 14.34 2.63 -9.48
CA TYR A 17 16.02 3.25 -9.37
CA TYR A 17 15.76 2.93 -9.47
C TYR A 17 16.67 2.56 -8.17
C TYR A 17 16.42 2.23 -8.28
N ILE A 18 17.95 2.19 -8.29
N ILE A 18 17.73 2.01 -8.34
CA ILE A 18 18.60 1.40 -7.24
CA ILE A 18 18.41 1.22 -7.32
C ILE A 18 20.04 1.88 -7.05
C ILE A 18 19.87 1.66 -7.18
N LYS A 19 20.50 1.86 -5.80
N LYS A 19 20.40 1.50 -5.96
CA LYS A 19 21.83 2.35 -5.46
CA LYS A 19 21.77 1.93 -5.62
C LYS A 19 22.34 1.55 -4.26
C LYS A 19 22.25 1.12 -4.40
N ASN A 20 23.64 1.24 -4.28
N ASN A 20 23.57 0.88 -4.37
CA ASN A 20 24.29 0.71 -3.08
CA ASN A 20 24.21 0.25 -3.21
C ASN A 20 24.50 1.87 -2.14
C ASN A 20 24.55 1.35 -2.21
N ALA A 21 23.72 1.93 -1.07
N ALA A 21 23.67 1.53 -1.22
CA ALA A 21 23.79 3.05 -0.16
CA ALA A 21 23.85 2.63 -0.25
C ALA A 21 23.18 2.67 1.17
C ALA A 21 23.05 2.34 1.01
N ASP A 22 23.66 3.34 2.21
N ASP A 22 23.45 3.02 2.10
CA ASP A 22 23.06 3.28 3.54
CA ASP A 22 22.74 2.99 3.38
C ASP A 22 21.87 4.23 3.55
C ASP A 22 21.60 4.01 3.33
N ILE A 23 20.66 3.67 3.70
N ILE A 23 20.36 3.53 3.52
CA ILE A 23 19.45 4.48 3.62
CA ILE A 23 19.20 4.40 3.45
C ILE A 23 19.47 5.62 4.64
C ILE A 23 19.31 5.55 4.43
N VAL A 24 20.13 5.42 5.77
N VAL A 24 19.97 5.33 5.58
CA VAL A 24 20.26 6.50 6.75
CA VAL A 24 20.12 6.38 6.57
C VAL A 24 21.06 7.66 6.17
C VAL A 24 20.98 7.51 6.01
N GLU A 25 22.23 7.36 5.60
N GLU A 25 22.08 7.17 5.34
CA GLU A 25 23.06 8.41 5.03
CA GLU A 25 22.93 8.19 4.74
C GLU A 25 22.42 9.02 3.80
C GLU A 25 22.24 8.85 3.55
N GLU A 26 21.72 8.20 3.00
N GLU A 26 21.52 8.07 2.74
CA GLU A 26 20.99 8.74 1.85
CA GLU A 26 20.77 8.66 1.64
C GLU A 26 19.93 9.74 2.31
C GLU A 26 19.73 9.64 2.15
N ALA A 27 19.11 9.35 3.29
CA ALA A 27 18.09 10.24 3.80
C ALA A 27 18.69 11.53 4.33
N LYS A 28 19.78 11.44 5.11
N LYS A 28 19.78 11.42 5.10
CA LYS A 28 20.36 12.66 5.66
CA LYS A 28 20.43 12.62 5.64
C LYS A 28 20.86 13.60 4.57
C LYS A 28 20.90 13.53 4.51
N LYS A 29 21.23 13.07 3.40
N LYS A 29 21.41 12.96 3.43
CA LYS A 29 21.69 13.91 2.30
CA LYS A 29 22.01 13.78 2.37
C LYS A 29 20.52 14.50 1.52
C LYS A 29 20.93 14.34 1.45
N VAL A 30 19.59 13.65 1.06
N VAL A 30 19.89 13.56 1.16
CA VAL A 30 18.54 14.10 0.16
CA VAL A 30 18.84 14.01 0.26
C VAL A 30 17.42 14.82 0.91
C VAL A 30 17.72 14.73 1.00
N LYS A 31 17.12 14.42 2.14
N LYS A 31 17.44 14.33 2.24
CA LYS A 31 15.95 14.87 2.86
CA LYS A 31 16.26 14.78 2.97
C LYS A 31 14.70 14.70 2.00
C LYS A 31 15.02 14.67 2.09
N PRO A 32 14.38 13.47 1.61
N PRO A 32 14.65 13.47 1.68
CA PRO A 32 13.25 13.25 0.70
CA PRO A 32 13.53 13.31 0.74
C PRO A 32 11.93 13.56 1.37
C PRO A 32 12.21 13.63 1.42
N THR A 33 10.91 13.76 0.53
N THR A 33 11.16 13.70 0.60
CA THR A 33 9.56 13.93 1.04
CA THR A 33 9.82 13.91 1.13
C THR A 33 9.13 12.71 1.85
C THR A 33 9.37 12.71 1.96
N VAL A 34 9.55 11.51 1.43
CA VAL A 34 9.16 10.27 2.08
C VAL A 34 10.35 9.32 2.13
N VAL A 35 10.70 8.87 3.34
CA VAL A 35 11.55 7.70 3.53
C VAL A 35 10.68 6.56 4.05
N VAL A 36 10.88 5.37 3.48
CA VAL A 36 10.17 4.17 3.93
C VAL A 36 10.97 3.47 5.01
N ASN A 37 10.29 3.12 6.11
CA ASN A 37 10.85 2.25 7.12
C ASN A 37 10.33 0.83 6.94
N ALA A 38 11.22 -0.14 7.11
CA ALA A 38 10.88 -1.55 7.16
C ALA A 38 10.42 -1.88 8.57
N ALA A 39 9.14 -1.59 8.84
CA ALA A 39 8.58 -1.66 10.17
C ALA A 39 8.01 -3.04 10.49
N ASN A 40 7.77 -3.28 11.78
CA ASN A 40 6.92 -4.36 12.24
C ASN A 40 5.61 -3.79 12.77
N VAL A 41 4.65 -4.67 13.05
CA VAL A 41 3.30 -4.22 13.38
C VAL A 41 3.25 -3.40 14.67
N TYR A 42 4.24 -3.57 15.54
CA TYR A 42 4.30 -2.86 16.82
C TYR A 42 5.10 -1.58 16.75
N LEU A 43 5.65 -1.26 15.58
CA LEU A 43 6.56 -0.13 15.42
C LEU A 43 7.66 -0.14 16.47
N LYS A 44 8.19 -1.34 16.76
N LYS A 44 8.18 -1.34 16.76
CA LYS A 44 9.34 -1.50 17.64
CA LYS A 44 9.34 -1.50 17.64
C LYS A 44 10.59 -1.54 16.77
C LYS A 44 10.57 -1.53 16.76
N HIS A 45 11.31 -0.42 16.75
CA HIS A 45 12.39 -0.22 15.78
C HIS A 45 13.74 -0.66 16.39
N GLY A 46 13.87 -1.98 16.54
N GLY A 46 13.95 -1.98 16.36
CA GLY A 46 14.98 -2.51 17.32
CA GLY A 46 15.11 -2.56 17.02
C GLY A 46 16.23 -2.80 16.52
C GLY A 46 16.36 -2.71 16.18
N GLY A 47 16.07 -3.18 15.26
N GLY A 47 16.23 -3.15 14.93
CA GLY A 47 17.19 -3.60 14.44
CA GLY A 47 17.38 -3.51 14.12
C GLY A 47 16.86 -3.46 12.98
C GLY A 47 17.10 -3.31 12.65
N GLY A 48 17.79 -3.91 12.14
N GLY A 48 18.12 -3.60 11.84
CA GLY A 48 17.60 -3.76 10.72
CA GLY A 48 17.97 -3.42 10.41
C GLY A 48 17.52 -2.30 10.32
C GLY A 48 17.67 -1.98 10.06
N VAL A 49 16.85 -2.06 9.19
N VAL A 49 16.82 -1.80 9.04
CA VAL A 49 16.62 -0.69 8.73
CA VAL A 49 16.43 -0.45 8.62
C VAL A 49 15.95 0.14 9.81
C VAL A 49 15.83 0.32 9.78
N ALA A 50 14.93 -0.43 10.47
N ALA A 50 14.90 -0.28 10.51
CA ALA A 50 14.16 0.32 11.46
CA ALA A 50 14.16 0.45 11.53
C ALA A 50 15.05 0.77 12.62
C ALA A 50 15.07 0.88 12.68
N GLY A 51 15.89 -0.13 13.13
N GLY A 51 15.87 -0.07 13.18
CA GLY A 51 16.77 0.25 14.21
CA GLY A 51 16.79 0.28 14.25
C GLY A 51 17.74 1.35 13.81
C GLY A 51 17.77 1.35 13.82
N ALA A 52 18.24 1.28 12.57
CA ALA A 52 19.18 2.29 12.09
C ALA A 52 18.51 3.64 11.88
N LEU A 53 17.32 3.68 11.28
N LEU A 53 17.33 3.67 11.25
CA LEU A 53 16.62 4.95 11.12
CA LEU A 53 16.61 4.93 11.12
C LEU A 53 16.27 5.56 12.48
C LEU A 53 16.33 5.53 12.49
N ASN A 54 15.80 4.73 13.40
CA ASN A 54 15.42 5.27 14.70
C ASN A 54 16.64 5.82 15.43
N LYS A 55 17.76 5.11 15.39
N LYS A 55 17.77 5.13 15.39
CA LYS A 55 18.99 5.58 16.01
CA LYS A 55 18.97 5.62 16.05
C LYS A 55 19.36 6.97 15.48
C LYS A 55 19.39 6.97 15.49
N ALA A 56 19.25 7.16 14.16
CA ALA A 56 19.62 8.42 13.55
C ALA A 56 18.70 9.56 13.99
N THR A 57 17.48 9.26 14.44
CA THR A 57 16.58 10.27 15.01
C THR A 57 16.75 10.45 16.52
N ASN A 58 17.77 9.84 17.11
CA ASN A 58 18.00 9.99 18.55
C ASN A 58 16.83 9.44 19.35
N ASN A 59 16.17 8.39 18.82
CA ASN A 59 15.02 7.71 19.43
C ASN A 59 13.71 8.50 19.32
N ALA A 60 13.69 9.65 18.65
CA ALA A 60 12.44 10.38 18.51
C ALA A 60 11.42 9.59 17.69
N MET A 61 11.88 8.82 16.70
CA MET A 61 10.98 7.96 15.93
C MET A 61 10.28 6.96 16.84
N GLN A 62 11.02 6.35 17.77
CA GLN A 62 10.41 5.38 18.68
C GLN A 62 9.40 6.05 19.60
N VAL A 63 9.73 7.22 20.14
CA VAL A 63 8.80 7.92 21.04
C VAL A 63 7.50 8.23 20.32
N GLU A 64 7.60 8.76 19.09
CA GLU A 64 6.40 9.05 18.31
C GLU A 64 5.62 7.78 18.01
N SER A 65 6.34 6.71 17.68
CA SER A 65 5.72 5.43 17.34
C SER A 65 4.98 4.83 18.52
N ASP A 66 5.53 4.93 19.72
CA ASP A 66 4.87 4.37 20.90
C ASP A 66 3.55 5.08 21.17
N ASP A 67 3.53 6.40 20.97
CA ASP A 67 2.27 7.14 21.10
C ASP A 67 1.27 6.71 20.02
N TYR A 68 1.75 6.49 18.78
CA TYR A 68 0.86 6.03 17.71
C TYR A 68 0.21 4.70 18.08
N ILE A 69 1.01 3.74 18.56
CA ILE A 69 0.48 2.42 18.90
C ILE A 69 -0.45 2.50 20.10
N ALA A 70 -0.11 3.30 21.09
CA ALA A 70 -0.99 3.44 22.26
C ALA A 70 -2.36 3.95 21.86
N THR A 71 -2.44 4.76 20.81
CA THR A 71 -3.70 5.31 20.35
C THR A 71 -4.45 4.39 19.40
N ASN A 72 -3.72 3.76 18.48
CA ASN A 72 -4.32 3.08 17.33
C ASN A 72 -4.18 1.57 17.33
N GLY A 73 -3.33 1.01 18.18
CA GLY A 73 -3.06 -0.41 18.12
C GLY A 73 -2.11 -0.74 16.99
N PRO A 74 -1.77 -2.02 16.88
CA PRO A 74 -0.77 -2.44 15.88
C PRO A 74 -1.26 -2.27 14.45
N LEU A 75 -0.28 -2.12 13.56
CA LEU A 75 -0.56 -2.19 12.14
C LEU A 75 -0.90 -3.62 11.74
N LYS A 76 -1.40 -3.77 10.51
CA LYS A 76 -1.56 -5.06 9.85
C LYS A 76 -0.26 -5.41 9.11
N VAL A 77 0.06 -6.71 9.04
CA VAL A 77 1.08 -7.14 8.09
C VAL A 77 0.57 -6.82 6.68
N GLY A 78 1.40 -6.11 5.91
CA GLY A 78 1.01 -5.57 4.62
C GLY A 78 0.54 -4.13 4.68
N GLY A 79 0.36 -3.58 5.89
CA GLY A 79 -0.14 -2.24 6.06
C GLY A 79 0.95 -1.22 6.31
N SER A 80 0.51 0.01 6.58
CA SER A 80 1.44 1.13 6.75
C SER A 80 0.79 2.25 7.54
N CYS A 81 1.64 3.16 8.01
CA CYS A 81 1.16 4.44 8.51
C CYS A 81 2.19 5.51 8.16
N VAL A 82 1.71 6.76 8.04
CA VAL A 82 2.57 7.91 7.79
C VAL A 82 2.82 8.62 9.11
N LEU A 83 4.09 8.76 9.47
CA LEU A 83 4.49 9.50 10.66
C LEU A 83 5.56 10.52 10.25
N SER A 84 6.10 11.24 11.22
CA SER A 84 7.12 12.22 10.91
C SER A 84 8.39 11.56 10.38
N GLY A 85 9.09 12.28 9.50
CA GLY A 85 10.42 11.89 9.09
C GLY A 85 11.53 12.44 9.96
N HIS A 86 11.20 13.23 10.98
CA HIS A 86 12.17 13.74 11.95
C HIS A 86 13.27 14.47 11.18
N ASN A 87 14.53 14.21 11.48
CA ASN A 87 15.66 14.88 10.83
C ASN A 87 16.07 14.22 9.52
N LEU A 88 15.35 13.19 9.08
N LEU A 88 15.34 13.21 9.06
CA LEU A 88 15.75 12.40 7.93
CA LEU A 88 15.76 12.41 7.92
C LEU A 88 14.97 12.71 6.66
C LEU A 88 14.93 12.64 6.66
N ALA A 89 13.71 13.13 6.80
CA ALA A 89 12.80 13.29 5.67
C ALA A 89 11.62 14.09 6.20
N LYS A 90 10.77 14.56 5.28
N LYS A 90 10.77 14.56 5.28
CA LYS A 90 9.54 15.19 5.73
CA LYS A 90 9.54 15.19 5.72
C LYS A 90 8.66 14.18 6.46
C LYS A 90 8.65 14.18 6.45
N HIS A 91 8.41 13.03 5.83
CA HIS A 91 7.57 11.99 6.36
C HIS A 91 8.30 10.66 6.34
N CYS A 92 7.93 9.79 7.26
CA CYS A 92 8.33 8.39 7.22
C CYS A 92 7.10 7.54 7.00
N LEU A 93 7.10 6.76 5.92
CA LEU A 93 6.07 5.76 5.68
C LEU A 93 6.55 4.43 6.27
N HIS A 94 5.95 4.04 7.39
CA HIS A 94 6.28 2.78 8.05
C HIS A 94 5.46 1.70 7.39
N VAL A 95 6.14 0.76 6.70
CA VAL A 95 5.48 -0.28 5.94
C VAL A 95 5.88 -1.64 6.52
N VAL A 96 4.89 -2.50 6.77
CA VAL A 96 5.13 -3.82 7.34
C VAL A 96 5.08 -4.85 6.23
N GLY A 97 6.25 -5.33 5.81
CA GLY A 97 6.32 -6.51 4.98
C GLY A 97 6.21 -7.75 5.84
N PRO A 98 5.90 -8.90 5.24
N PRO A 98 5.73 -8.84 5.22
CA PRO A 98 5.93 -10.14 6.04
CA PRO A 98 5.59 -10.10 5.93
C PRO A 98 7.35 -10.48 6.49
C PRO A 98 6.94 -10.64 6.37
N ASN A 99 7.46 -10.93 7.74
N ASN A 99 6.95 -11.25 7.54
CA ASN A 99 8.72 -11.41 8.31
CA ASN A 99 8.16 -11.88 8.08
C ASN A 99 8.73 -12.94 8.23
C ASN A 99 8.01 -13.39 7.90
N VAL A 100 9.48 -13.46 7.26
N VAL A 100 8.77 -13.92 6.94
CA VAL A 100 9.54 -14.91 7.03
CA VAL A 100 8.67 -15.34 6.61
C VAL A 100 10.02 -15.64 8.27
C VAL A 100 9.14 -16.21 7.78
N ASN A 101 10.92 -15.03 9.04
N ASN A 101 10.03 -15.69 8.62
CA ASN A 101 11.40 -15.65 10.27
CA ASN A 101 10.46 -16.42 9.81
C ASN A 101 10.35 -15.65 11.38
C ASN A 101 9.44 -16.36 10.94
N LYS A 102 9.16 -15.11 11.12
N LYS A 102 8.26 -15.80 10.68
CA LYS A 102 7.99 -15.28 11.98
CA LYS A 102 7.13 -15.83 11.61
C LYS A 102 6.93 -16.19 11.38
C LYS A 102 5.93 -16.54 11.01
N GLY A 103 7.15 -16.71 10.17
N GLY A 103 6.11 -17.26 9.90
CA GLY A 103 6.18 -17.55 9.49
CA GLY A 103 5.01 -17.93 9.24
C GLY A 103 5.10 -16.80 8.75
C GLY A 103 4.11 -17.03 8.42
N GLU A 104 5.29 -15.51 8.49
N GLU A 104 4.52 -15.79 8.16
CA GLU A 104 4.26 -14.70 7.86
CA GLU A 104 3.64 -14.81 7.54
C GLU A 104 4.22 -14.94 6.34
C GLU A 104 3.63 -14.97 6.03
N ASP A 105 3.03 -14.82 5.78
N ASP A 105 2.47 -14.73 5.44
CA ASP A 105 2.78 -15.21 4.40
CA ASP A 105 2.20 -15.01 4.04
C ASP A 105 3.48 -14.25 3.45
C ASP A 105 3.02 -14.09 3.14
N ILE A 106 4.40 -14.77 2.63
N ILE A 106 3.91 -14.67 2.33
CA ILE A 106 5.15 -13.95 1.69
CA ILE A 106 4.73 -13.86 1.44
C ILE A 106 4.24 -13.28 0.66
C ILE A 106 3.89 -13.19 0.36
N GLN A 107 3.05 -13.84 0.43
N GLN A 107 2.68 -13.69 0.09
CA GLN A 107 2.11 -13.23 -0.50
CA GLN A 107 1.75 -12.98 -0.78
C GLN A 107 1.71 -11.82 -0.07
C GLN A 107 1.48 -11.57 -0.27
N LEU A 108 1.84 -11.50 1.22
N LEU A 108 1.61 -11.36 1.05
CA LEU A 108 1.50 -10.16 1.70
CA LEU A 108 1.41 -10.03 1.61
C LEU A 108 2.52 -9.12 1.27
C LEU A 108 2.52 -9.06 1.24
N LEU A 109 3.62 -9.53 0.63
CA LEU A 109 4.63 -8.58 0.19
C LEU A 109 4.09 -7.64 -0.88
N LYS A 110 3.25 -8.15 -1.79
CA LYS A 110 2.66 -7.27 -2.79
C LYS A 110 1.78 -6.22 -2.13
N SER A 111 0.96 -6.62 -1.15
CA SER A 111 0.13 -5.66 -0.42
C SER A 111 0.99 -4.59 0.25
N ALA A 112 2.12 -5.00 0.83
CA ALA A 112 3.03 -4.04 1.47
C ALA A 112 3.52 -3.01 0.47
N TYR A 113 3.97 -3.45 -0.71
CA TYR A 113 4.46 -2.51 -1.72
C TYR A 113 3.36 -1.60 -2.25
N GLU A 114 2.10 -2.06 -2.25
CA GLU A 114 1.02 -1.21 -2.74
C GLU A 114 0.94 0.10 -1.97
N ASN A 115 1.36 0.10 -0.70
CA ASN A 115 1.35 1.35 0.08
C ASN A 115 2.19 2.43 -0.58
N PHE A 116 3.25 2.03 -1.31
CA PHE A 116 4.12 3.03 -1.94
C PHE A 116 3.36 3.85 -2.98
N ASN A 117 2.30 3.29 -3.57
CA ASN A 117 1.60 3.99 -4.65
C ASN A 117 0.83 5.21 -4.19
N GLN A 118 0.71 5.42 -2.87
CA GLN A 118 0.07 6.60 -2.34
C GLN A 118 1.01 7.80 -2.26
N HIS A 119 2.25 7.65 -2.74
CA HIS A 119 3.27 8.69 -2.64
C HIS A 119 4.01 8.80 -3.97
N GLU A 120 4.12 10.02 -4.48
N GLU A 120 4.17 10.04 -4.44
CA GLU A 120 4.65 10.20 -5.83
CA GLU A 120 4.73 10.26 -5.78
C GLU A 120 6.12 9.81 -5.95
C GLU A 120 6.19 9.84 -5.88
N VAL A 121 6.91 10.02 -4.89
N VAL A 121 6.99 10.09 -4.83
CA VAL A 121 8.34 9.71 -4.87
CA VAL A 121 8.41 9.78 -4.84
C VAL A 121 8.69 9.19 -3.47
C VAL A 121 8.80 9.28 -3.46
N LEU A 122 9.54 8.17 -3.41
CA LEU A 122 9.97 7.59 -2.13
C LEU A 122 11.40 7.11 -2.20
N LEU A 123 12.11 7.27 -1.07
N LEU A 123 12.11 7.29 -1.08
CA LEU A 123 13.34 6.52 -0.80
CA LEU A 123 13.38 6.64 -0.81
C LEU A 123 12.96 5.32 0.04
C LEU A 123 13.08 5.44 0.07
N ALA A 124 13.50 4.14 -0.30
N ALA A 124 13.39 4.23 -0.40
CA ALA A 124 12.97 2.93 0.32
CA ALA A 124 12.94 3.03 0.28
C ALA A 124 13.99 1.81 0.33
C ALA A 124 14.03 1.97 0.36
N PRO A 125 13.88 0.90 1.29
N PRO A 125 13.91 1.05 1.30
CA PRO A 125 14.63 -0.37 1.25
CA PRO A 125 14.68 -0.20 1.26
C PRO A 125 13.78 -1.41 0.54
C PRO A 125 13.85 -1.27 0.57
N LEU A 126 14.40 -2.56 0.26
N LEU A 126 14.50 -2.38 0.27
CA LEU A 126 13.65 -3.71 -0.21
CA LEU A 126 13.74 -3.58 -0.11
C LEU A 126 12.86 -4.32 0.94
C LEU A 126 12.99 -4.09 1.12
N LEU A 127 11.54 -4.31 0.82
N LEU A 127 11.77 -4.59 0.90
CA LEU A 127 10.68 -4.84 1.86
CA LEU A 127 10.94 -5.07 2.00
C LEU A 127 10.94 -6.32 2.07
C LEU A 127 10.99 -6.59 2.13
N SER A 128 10.90 -6.74 3.32
N SER A 128 10.84 -7.06 3.37
CA SER A 128 11.05 -8.11 3.77
CA SER A 128 10.72 -8.46 3.73
C SER A 128 12.45 -8.67 3.55
C SER A 128 12.00 -9.28 3.62
N ALA A 129 13.40 -7.86 3.10
N ALA A 129 13.07 -8.72 3.05
CA ALA A 129 14.77 -8.29 2.95
CA ALA A 129 14.33 -9.41 2.98
C ALA A 129 15.48 -8.22 4.31
C ALA A 129 15.17 -9.07 4.23
N GLY A 130 16.77 -8.53 4.31
N GLY A 130 16.49 -9.24 4.15
CA GLY A 130 17.53 -8.45 5.54
CA GLY A 130 17.31 -9.01 5.32
C GLY A 130 16.96 -9.39 6.59
C GLY A 130 16.83 -9.84 6.49
N ILE A 131 16.78 -8.87 7.81
N ILE A 131 16.82 -9.24 7.69
CA ILE A 131 16.36 -9.69 8.93
CA ILE A 131 16.42 -9.96 8.89
C ILE A 131 14.92 -10.18 8.83
C ILE A 131 14.95 -10.35 8.91
N PHE A 132 14.13 -9.66 7.87
N PHE A 132 14.18 -9.93 7.89
CA PHE A 132 12.79 -10.18 7.64
CA PHE A 132 12.79 -10.37 7.78
C PHE A 132 12.79 -11.50 6.86
C PHE A 132 12.65 -11.74 7.10
N GLY A 133 13.94 -11.93 6.35
N GLY A 133 13.68 -12.23 6.41
CA GLY A 133 14.13 -13.29 5.90
CA GLY A 133 13.79 -13.62 6.04
C GLY A 133 13.60 -13.67 4.53
C GLY A 133 13.56 -13.95 4.57
N ALA A 134 13.14 -12.71 3.72
N ALA A 134 12.91 -13.09 3.81
CA ALA A 134 12.73 -13.03 2.36
CA ALA A 134 12.49 -13.47 2.47
C ALA A 134 13.91 -12.91 1.40
C ALA A 134 13.63 -13.34 1.45
N ASP A 135 13.76 -13.52 0.24
N ASP A 135 13.36 -13.81 0.24
CA ASP A 135 14.76 -13.42 -0.83
CA ASP A 135 14.34 -13.77 -0.85
C ASP A 135 14.74 -12.00 -1.40
C ASP A 135 14.37 -12.37 -1.45
N PRO A 136 15.83 -11.24 -1.29
N PRO A 136 15.52 -11.68 -1.43
CA PRO A 136 15.80 -9.87 -1.83
CA PRO A 136 15.55 -10.30 -1.96
C PRO A 136 15.60 -9.79 -3.34
C PRO A 136 15.34 -10.21 -3.46
N ILE A 137 16.02 -10.81 -4.09
N ILE A 137 15.77 -11.22 -4.23
CA ILE A 137 15.75 -10.83 -5.52
CA ILE A 137 15.49 -11.21 -5.67
C ILE A 137 14.24 -10.86 -5.77
C ILE A 137 13.98 -11.18 -5.90
N HIS A 138 13.52 -11.69 -4.99
N HIS A 138 13.24 -11.99 -5.15
CA HIS A 138 12.07 -11.71 -5.08
CA HIS A 138 11.78 -11.97 -5.25
C HIS A 138 11.45 -10.39 -4.66
C HIS A 138 11.22 -10.61 -4.86
N SER A 139 11.93 -9.81 -3.55
N SER A 139 11.78 -9.99 -3.80
CA SER A 139 11.42 -8.52 -3.12
CA SER A 139 11.24 -8.71 -3.35
C SER A 139 11.54 -7.48 -4.22
C SER A 139 11.44 -7.62 -4.40
N LEU A 140 12.63 -7.51 -4.97
CA LEU A 140 12.83 -6.54 -6.04
C LEU A 140 11.85 -6.77 -7.18
N ARG A 141 11.60 -8.03 -7.53
CA ARG A 141 10.65 -8.35 -8.58
C ARG A 141 9.24 -7.85 -8.22
N VAL A 142 8.81 -8.15 -6.99
CA VAL A 142 7.49 -7.67 -6.55
C VAL A 142 7.44 -6.16 -6.58
N CYS A 143 8.50 -5.50 -6.12
CA CYS A 143 8.54 -4.03 -6.15
C CYS A 143 8.30 -3.52 -7.57
N VAL A 144 9.08 -4.02 -8.52
CA VAL A 144 8.99 -3.53 -9.89
C VAL A 144 7.61 -3.78 -10.48
N ASP A 145 7.01 -4.91 -10.12
CA ASP A 145 5.71 -5.30 -10.68
C ASP A 145 4.52 -4.72 -9.91
N THR A 146 4.76 -3.98 -8.82
CA THR A 146 3.68 -3.46 -7.99
C THR A 146 3.70 -1.94 -7.87
N VAL A 147 4.87 -1.36 -7.64
CA VAL A 147 4.98 0.09 -7.44
C VAL A 147 4.95 0.78 -8.79
N ARG A 148 4.10 1.79 -8.91
CA ARG A 148 3.96 2.60 -10.11
C ARG A 148 4.49 4.02 -9.93
N THR A 149 4.65 4.46 -8.69
CA THR A 149 5.24 5.76 -8.39
C THR A 149 6.76 5.62 -8.41
N ASN A 150 7.47 6.73 -8.24
CA ASN A 150 8.92 6.74 -8.43
C ASN A 150 9.61 6.33 -7.14
N VAL A 151 10.30 5.19 -7.18
CA VAL A 151 10.92 4.62 -6.01
C VAL A 151 12.42 4.51 -6.21
N TYR A 152 13.15 5.05 -5.25
N TYR A 152 13.16 4.98 -5.22
CA TYR A 152 14.61 5.04 -5.19
CA TYR A 152 14.62 4.94 -5.18
C TYR A 152 14.99 4.07 -4.08
C TYR A 152 15.03 3.95 -4.09
N LEU A 153 15.53 2.93 -4.48
N LEU A 153 15.50 2.79 -4.51
CA LEU A 153 15.87 1.86 -3.56
CA LEU A 153 15.80 1.68 -3.61
C LEU A 153 17.32 1.99 -3.12
C LEU A 153 17.27 1.75 -3.19
N ALA A 154 17.52 1.95 -1.80
N ALA A 154 17.51 1.85 -1.88
CA ALA A 154 18.84 1.89 -1.20
CA ALA A 154 18.85 1.88 -1.32
C ALA A 154 19.08 0.47 -0.72
C ALA A 154 19.15 0.51 -0.71
N VAL A 155 20.17 -0.12 -1.19
N VAL A 155 20.12 -0.19 -1.29
CA VAL A 155 20.60 -1.45 -0.79
CA VAL A 155 20.48 -1.56 -0.93
C VAL A 155 21.91 -1.27 -0.03
C VAL A 155 21.77 -1.50 -0.13
N PHE A 156 21.90 -1.57 1.26
N PHE A 156 21.70 -1.85 1.16
CA PHE A 156 23.07 -1.33 2.11
CA PHE A 156 22.82 -1.69 2.08
C PHE A 156 24.24 -2.22 1.72
C PHE A 156 23.99 -2.60 1.70
N ASP A 157 23.97 -3.49 1.46
N ASP A 157 23.71 -3.85 1.38
CA ASP A 157 25.02 -4.48 1.24
CA ASP A 157 24.74 -4.86 1.22
C ASP A 157 25.50 -4.40 -0.21
C ASP A 157 25.32 -4.80 -0.18
N LYS A 158 26.77 -4.07 -0.40
N LYS A 158 26.63 -4.53 -0.26
CA LYS A 158 27.30 -3.94 -1.75
CA LYS A 158 27.29 -4.39 -1.55
C LYS A 158 27.27 -5.28 -2.49
C LYS A 158 27.12 -5.67 -2.38
N ASN A 159 27.66 -6.36 -1.82
N ASN A 159 27.34 -6.82 -1.76
CA ASN A 159 27.58 -7.66 -2.47
CA ASN A 159 27.30 -8.07 -2.52
C ASN A 159 26.15 -7.97 -2.88
C ASN A 159 25.90 -8.38 -3.05
N LEU A 160 25.18 -7.64 -2.02
N LEU A 160 24.86 -8.08 -2.26
CA LEU A 160 23.79 -7.85 -2.43
CA LEU A 160 23.51 -8.35 -2.72
C LEU A 160 23.41 -6.92 -3.58
C LEU A 160 23.12 -7.46 -3.89
N TYR A 161 23.82 -5.66 -3.52
N TYR A 161 23.50 -6.18 -3.80
CA TYR A 161 23.53 -4.73 -4.61
CA TYR A 161 23.22 -5.24 -4.89
C TYR A 161 24.00 -5.29 -5.94
C TYR A 161 23.76 -5.75 -6.20
N ASP A 162 25.22 -5.82 -5.98
N ASP A 162 25.05 -6.10 -6.23
CA ASP A 162 25.76 -6.31 -7.25
CA ASP A 162 25.64 -6.71 -7.42
C ASP A 162 24.96 -7.49 -7.78
C ASP A 162 24.83 -7.92 -7.86
N LYS A 163 24.52 -8.39 -6.88
N LYS A 163 24.41 -8.73 -6.90
CA LYS A 163 23.76 -9.55 -7.35
CA LYS A 163 23.59 -9.90 -7.21
C LYS A 163 22.38 -9.14 -7.86
C LYS A 163 22.24 -9.48 -7.77
N LEU A 164 21.75 -8.17 -7.20
N LEU A 164 21.62 -8.44 -7.21
CA LEU A 164 20.42 -7.72 -7.62
CA LEU A 164 20.31 -7.99 -7.69
C LEU A 164 20.46 -7.16 -9.04
C LEU A 164 20.41 -7.42 -9.10
N VAL A 165 21.48 -6.35 -9.33
N VAL A 165 21.40 -6.56 -9.32
CA VAL A 165 21.60 -5.75 -10.66
CA VAL A 165 21.58 -5.96 -10.65
C VAL A 165 21.86 -6.81 -11.71
C VAL A 165 21.88 -7.04 -11.67
N SER A 166 22.82 -7.70 -11.46
N SER A 166 22.89 -7.86 -11.40
CA SER A 166 23.24 -8.64 -12.49
CA SER A 166 23.34 -8.85 -12.38
C SER A 166 22.15 -9.64 -12.82
C SER A 166 22.27 -9.89 -12.69
N SER A 167 21.29 -9.98 -11.85
N SER A 167 21.27 -10.03 -11.82
CA SER A 167 20.24 -10.97 -12.04
CA SER A 167 20.20 -11.00 -12.03
C SER A 167 18.92 -10.35 -12.45
C SER A 167 18.88 -10.35 -12.43
N PHE A 168 18.84 -9.03 -12.57
CA PHE A 168 17.57 -8.36 -12.85
C PHE A 168 17.10 -8.68 -14.26
N LEU A 169 15.82 -9.01 -14.38
CA LEU A 169 15.25 -9.31 -15.68
C LEU A 169 14.45 -8.10 -16.19
N SER B 1 -23.14 -15.67 16.49
N SER B 1 -23.08 -15.71 16.41
CA SER B 1 -23.79 -14.70 15.59
CA SER B 1 -23.69 -14.67 15.56
C SER B 1 -23.30 -14.88 14.16
C SER B 1 -23.25 -14.85 14.11
N MET B 2 -24.04 -14.26 13.24
N MET B 2 -24.05 -14.28 13.22
CA MET B 2 -23.86 -14.45 11.81
CA MET B 2 -23.87 -14.44 11.78
C MET B 2 -23.34 -13.15 11.20
C MET B 2 -23.33 -13.14 11.22
N VAL B 3 -22.09 -13.17 10.74
CA VAL B 3 -21.48 -12.03 10.08
C VAL B 3 -20.88 -12.52 8.77
N ASN B 4 -20.70 -11.58 7.84
CA ASN B 4 -20.13 -11.90 6.53
C ASN B 4 -20.86 -13.08 5.89
N SER B 5 -22.18 -13.07 5.97
CA SER B 5 -23.01 -14.15 5.44
C SER B 5 -23.52 -13.77 4.07
N PHE B 6 -22.58 -13.77 3.12
CA PHE B 6 -22.89 -13.46 1.73
C PHE B 6 -23.56 -14.65 1.08
N SER B 7 -24.65 -14.38 0.35
N SER B 7 -24.65 -14.41 0.35
CA SER B 7 -25.48 -15.41 -0.26
CA SER B 7 -25.39 -15.51 -0.25
C SER B 7 -25.96 -14.92 -1.62
C SER B 7 -25.87 -15.12 -1.64
N GLY B 8 -25.97 -15.84 -2.59
N GLY B 8 -25.77 -16.07 -2.57
CA GLY B 8 -26.50 -15.53 -3.91
CA GLY B 8 -26.28 -15.87 -3.91
C GLY B 8 -25.57 -14.79 -4.82
C GLY B 8 -25.39 -15.07 -4.82
N TYR B 9 -24.25 -14.85 -4.58
N TYR B 9 -24.09 -14.99 -4.53
CA TYR B 9 -23.29 -14.20 -5.44
CA TYR B 9 -23.18 -14.25 -5.38
C TYR B 9 -22.80 -15.12 -6.53
C TYR B 9 -22.67 -15.13 -6.51
N LEU B 10 -22.46 -14.51 -7.67
CA LEU B 10 -21.90 -15.20 -8.81
C LEU B 10 -20.39 -15.04 -8.74
N LYS B 11 -19.67 -16.15 -8.86
N LYS B 11 -19.67 -16.15 -8.88
CA LYS B 11 -18.22 -16.15 -8.82
CA LYS B 11 -18.21 -16.15 -8.81
C LYS B 11 -17.71 -15.66 -10.17
C LYS B 11 -17.65 -15.71 -10.16
N LEU B 12 -16.86 -14.62 -10.16
CA LEU B 12 -16.17 -14.17 -11.36
C LEU B 12 -14.74 -14.68 -11.41
N THR B 13 -14.02 -14.52 -10.31
CA THR B 13 -12.69 -15.10 -10.12
C THR B 13 -12.68 -15.76 -8.75
N ASP B 14 -11.52 -16.32 -8.38
N ASP B 14 -11.52 -16.32 -8.38
CA ASP B 14 -11.42 -16.98 -7.10
CA ASP B 14 -11.41 -17.00 -7.09
C ASP B 14 -11.78 -16.06 -5.94
C ASP B 14 -11.69 -16.06 -5.91
N ASN B 15 -11.56 -14.75 -6.10
CA ASN B 15 -11.78 -13.81 -5.01
C ASN B 15 -12.77 -12.68 -5.30
N VAL B 16 -13.34 -12.60 -6.50
CA VAL B 16 -14.28 -11.53 -6.84
C VAL B 16 -15.63 -12.16 -7.15
N TYR B 17 -16.65 -11.70 -6.44
CA TYR B 17 -18.02 -12.18 -6.53
C TYR B 17 -18.94 -11.01 -6.81
N ILE B 18 -20.08 -11.26 -7.44
CA ILE B 18 -20.96 -10.19 -7.85
C ILE B 18 -22.42 -10.61 -7.69
N LYS B 19 -23.26 -9.62 -7.33
CA LYS B 19 -24.67 -9.87 -7.10
C LYS B 19 -25.48 -8.64 -7.52
N ASN B 20 -26.67 -8.88 -8.07
CA ASN B 20 -27.60 -7.81 -8.37
C ASN B 20 -28.34 -7.49 -7.06
N ALA B 21 -27.99 -6.36 -6.42
CA ALA B 21 -28.56 -6.08 -5.12
C ALA B 21 -28.32 -4.62 -4.73
N ASP B 22 -29.17 -4.16 -3.81
CA ASP B 22 -29.06 -2.86 -3.15
C ASP B 22 -28.04 -2.99 -2.01
N ILE B 23 -26.94 -2.24 -2.10
CA ILE B 23 -25.82 -2.42 -1.16
C ILE B 23 -26.25 -2.13 0.28
N VAL B 24 -27.20 -1.21 0.50
CA VAL B 24 -27.68 -0.94 1.85
C VAL B 24 -28.44 -2.15 2.38
N GLU B 25 -29.38 -2.67 1.59
CA GLU B 25 -30.10 -3.86 2.01
C GLU B 25 -29.17 -5.04 2.18
N GLU B 26 -28.18 -5.17 1.29
N GLU B 26 -28.18 -5.17 1.30
CA GLU B 26 -27.20 -6.24 1.43
CA GLU B 26 -27.20 -6.24 1.43
C GLU B 26 -26.43 -6.10 2.73
C GLU B 26 -26.41 -6.11 2.73
N ALA B 27 -25.96 -4.90 3.04
CA ALA B 27 -25.21 -4.70 4.27
C ALA B 27 -26.03 -5.10 5.49
N LYS B 28 -27.30 -4.72 5.51
CA LYS B 28 -28.13 -5.05 6.68
C LYS B 28 -28.38 -6.54 6.80
N LYS B 29 -28.40 -7.27 5.68
CA LYS B 29 -28.62 -8.71 5.71
C LYS B 29 -27.33 -9.50 5.94
N VAL B 30 -26.24 -9.10 5.27
CA VAL B 30 -24.99 -9.86 5.32
C VAL B 30 -24.24 -9.64 6.63
N LYS B 31 -24.39 -8.47 7.22
CA LYS B 31 -23.67 -8.05 8.41
C LYS B 31 -22.16 -8.14 8.16
N PRO B 32 -21.64 -7.41 7.18
CA PRO B 32 -20.22 -7.52 6.84
C PRO B 32 -19.34 -6.80 7.85
N THR B 33 -18.10 -7.31 7.97
CA THR B 33 -17.09 -6.57 8.73
C THR B 33 -16.81 -5.21 8.10
N VAL B 34 -16.80 -5.15 6.77
CA VAL B 34 -16.42 -3.93 6.05
C VAL B 34 -17.40 -3.71 4.91
N VAL B 35 -18.02 -2.53 4.89
CA VAL B 35 -18.69 -2.04 3.70
C VAL B 35 -17.87 -0.89 3.14
N VAL B 36 -17.68 -0.89 1.81
CA VAL B 36 -16.96 0.17 1.13
C VAL B 36 -17.91 1.28 0.72
N ASN B 37 -17.54 2.51 0.99
CA ASN B 37 -18.22 3.69 0.47
C ASN B 37 -17.46 4.25 -0.72
N ALA B 38 -18.23 4.66 -1.74
CA ALA B 38 -17.72 5.41 -2.88
C ALA B 38 -17.62 6.89 -2.47
N ALA B 39 -16.52 7.20 -1.78
CA ALA B 39 -16.34 8.48 -1.13
C ALA B 39 -15.67 9.49 -2.04
N ASN B 40 -15.71 10.75 -1.63
CA ASN B 40 -14.88 11.82 -2.18
C ASN B 40 -13.91 12.31 -1.09
N VAL B 41 -12.97 13.18 -1.50
CA VAL B 41 -11.85 13.51 -0.61
C VAL B 41 -12.29 14.22 0.66
N TYR B 42 -13.42 14.94 0.63
CA TYR B 42 -13.91 15.63 1.81
C TYR B 42 -15.01 14.85 2.52
N LEU B 43 -15.24 13.60 2.13
CA LEU B 43 -16.22 12.74 2.78
C LEU B 43 -17.58 13.44 2.89
N LYS B 44 -17.98 14.09 1.79
CA LYS B 44 -19.29 14.72 1.69
C LYS B 44 -20.20 13.75 0.96
N HIS B 45 -21.09 13.11 1.72
CA HIS B 45 -21.83 11.94 1.24
C HIS B 45 -23.17 12.38 0.65
N GLY B 46 -23.09 12.97 -0.53
N GLY B 46 -23.09 12.98 -0.52
CA GLY B 46 -24.26 13.60 -1.14
CA GLY B 46 -24.27 13.57 -1.13
C GLY B 46 -25.11 12.72 -2.02
C GLY B 46 -25.10 12.61 -1.94
N GLY B 47 -24.49 12.03 -2.97
CA GLY B 47 -25.23 11.28 -3.98
C GLY B 47 -24.78 9.84 -4.11
N GLY B 48 -25.46 9.12 -4.99
CA GLY B 48 -25.07 7.75 -5.29
C GLY B 48 -24.95 6.90 -4.04
N VAL B 49 -23.94 6.03 -4.04
CA VAL B 49 -23.75 5.11 -2.93
C VAL B 49 -23.56 5.86 -1.62
N ALA B 50 -22.73 6.90 -1.63
CA ALA B 50 -22.43 7.59 -0.38
C ALA B 50 -23.69 8.20 0.23
N GLY B 51 -24.52 8.82 -0.61
CA GLY B 51 -25.76 9.37 -0.10
C GLY B 51 -26.67 8.31 0.50
N ALA B 52 -26.74 7.14 -0.15
CA ALA B 52 -27.59 6.07 0.36
C ALA B 52 -27.06 5.50 1.66
N LEU B 53 -25.75 5.27 1.75
CA LEU B 53 -25.18 4.77 3.01
C LEU B 53 -25.40 5.77 4.13
N ASN B 54 -25.12 7.05 3.88
CA ASN B 54 -25.28 8.04 4.93
C ASN B 54 -26.73 8.15 5.39
N LYS B 55 -27.67 8.14 4.44
CA LYS B 55 -29.08 8.19 4.79
C LYS B 55 -29.46 7.00 5.67
N ALA B 56 -28.94 5.81 5.37
CA ALA B 56 -29.27 4.65 6.17
C ALA B 56 -28.80 4.82 7.61
N THR B 57 -27.72 5.56 7.83
CA THR B 57 -27.21 5.83 9.17
C THR B 57 -27.88 7.02 9.83
N ASN B 58 -28.93 7.58 9.21
CA ASN B 58 -29.60 8.76 9.76
C ASN B 58 -28.63 9.91 9.97
N ASN B 59 -27.70 10.09 9.04
CA ASN B 59 -26.72 11.17 8.98
C ASN B 59 -25.57 10.98 9.98
N ALA B 60 -25.54 9.89 10.76
CA ALA B 60 -24.44 9.70 11.69
C ALA B 60 -23.11 9.57 10.96
N MET B 61 -23.11 8.95 9.79
CA MET B 61 -21.89 8.83 8.99
C MET B 61 -21.34 10.21 8.63
N GLN B 62 -22.22 11.14 8.23
CA GLN B 62 -21.75 12.47 7.84
C GLN B 62 -21.18 13.22 9.04
N VAL B 63 -21.83 13.13 10.20
CA VAL B 63 -21.32 13.82 11.38
C VAL B 63 -19.93 13.29 11.74
N GLU B 64 -19.79 11.97 11.75
CA GLU B 64 -18.49 11.36 12.04
C GLU B 64 -17.44 11.75 11.00
N SER B 65 -17.85 11.80 9.74
CA SER B 65 -16.94 12.15 8.65
C SER B 65 -16.45 13.59 8.76
N ASP B 66 -17.36 14.53 9.08
CA ASP B 66 -16.92 15.92 9.22
C ASP B 66 -15.92 16.07 10.35
N ASP B 67 -16.12 15.33 11.45
CA ASP B 67 -15.14 15.36 12.53
C ASP B 67 -13.80 14.78 12.08
N TYR B 68 -13.82 13.67 11.33
CA TYR B 68 -12.58 13.10 10.79
C TYR B 68 -11.84 14.13 9.94
N ILE B 69 -12.56 14.85 9.07
CA ILE B 69 -11.94 15.84 8.21
C ILE B 69 -11.35 16.99 9.02
N ALA B 70 -12.07 17.43 10.04
CA ALA B 70 -11.54 18.51 10.89
C ALA B 70 -10.20 18.13 11.48
N THR B 71 -10.05 16.87 11.88
CA THR B 71 -8.83 16.43 12.54
C THR B 71 -7.72 16.11 11.55
N ASN B 72 -8.07 15.54 10.39
CA ASN B 72 -7.10 14.93 9.50
C ASN B 72 -6.95 15.61 8.15
N GLY B 73 -7.89 16.46 7.76
CA GLY B 73 -7.88 17.02 6.42
C GLY B 73 -8.38 16.02 5.40
N PRO B 74 -8.47 16.47 4.15
CA PRO B 74 -9.04 15.63 3.09
C PRO B 74 -8.15 14.46 2.75
N LEU B 75 -8.79 13.41 2.24
CA LEU B 75 -8.09 12.26 1.70
C LEU B 75 -7.44 12.63 0.36
N LYS B 76 -6.57 11.75 -0.11
CA LYS B 76 -6.05 11.79 -1.48
C LYS B 76 -6.97 11.00 -2.39
N VAL B 77 -7.13 11.46 -3.64
CA VAL B 77 -7.74 10.61 -4.65
C VAL B 77 -6.90 9.35 -4.77
N GLY B 78 -7.54 8.18 -4.69
CA GLY B 78 -6.86 6.91 -4.62
C GLY B 78 -6.65 6.40 -3.21
N GLY B 79 -6.93 7.21 -2.19
CA GLY B 79 -6.74 6.83 -0.81
C GLY B 79 -8.03 6.42 -0.13
N SER B 80 -7.91 6.14 1.18
CA SER B 80 -9.05 5.66 1.96
C SER B 80 -8.86 5.97 3.43
N CYS B 81 -9.95 5.84 4.18
CA CYS B 81 -9.89 5.81 5.64
C CYS B 81 -10.94 4.83 6.16
N VAL B 82 -10.68 4.29 7.35
CA VAL B 82 -11.60 3.39 8.03
C VAL B 82 -12.34 4.17 9.11
N LEU B 83 -13.66 4.16 9.03
CA LEU B 83 -14.53 4.75 10.04
C LEU B 83 -15.56 3.72 10.48
N SER B 84 -16.48 4.12 11.35
CA SER B 84 -17.51 3.19 11.81
C SER B 84 -18.43 2.80 10.67
N GLY B 85 -18.97 1.58 10.74
CA GLY B 85 -20.01 1.15 9.85
C GLY B 85 -21.42 1.35 10.37
N HIS B 86 -21.60 1.89 11.58
CA HIS B 86 -22.92 2.29 12.08
C HIS B 86 -23.86 1.10 12.05
N ASN B 87 -25.05 1.20 11.45
CA ASN B 87 -26.01 0.11 11.37
C ASN B 87 -25.81 -0.76 10.14
N LEU B 88 -24.70 -0.57 9.42
CA LEU B 88 -24.44 -1.27 8.17
C LEU B 88 -23.37 -2.33 8.24
N ALA B 89 -22.38 -2.15 9.10
CA ALA B 89 -21.18 -2.99 9.09
C ALA B 89 -20.38 -2.64 10.34
N LYS B 90 -19.40 -3.47 10.66
CA LYS B 90 -18.49 -3.08 11.73
C LYS B 90 -17.77 -1.79 11.35
N HIS B 91 -17.20 -1.75 10.14
CA HIS B 91 -16.44 -0.62 9.64
C HIS B 91 -16.96 -0.21 8.26
N CYS B 92 -16.82 1.07 7.97
CA CYS B 92 -16.93 1.57 6.59
C CYS B 92 -15.55 1.99 6.11
N LEU B 93 -15.11 1.40 5.01
CA LEU B 93 -13.90 1.81 4.32
C LEU B 93 -14.29 2.83 3.26
N HIS B 94 -13.98 4.10 3.52
CA HIS B 94 -14.28 5.18 2.59
C HIS B 94 -13.13 5.24 1.58
N VAL B 95 -13.40 4.89 0.32
CA VAL B 95 -12.38 4.81 -0.72
C VAL B 95 -12.69 5.86 -1.78
N VAL B 96 -11.69 6.64 -2.16
CA VAL B 96 -11.86 7.70 -3.16
C VAL B 96 -11.33 7.20 -4.50
N GLY B 97 -12.23 6.80 -5.39
CA GLY B 97 -11.87 6.57 -6.77
C GLY B 97 -11.88 7.88 -7.52
N PRO B 98 -11.20 7.94 -8.66
CA PRO B 98 -11.25 9.15 -9.49
C PRO B 98 -12.65 9.40 -10.04
N ASN B 99 -13.04 10.67 -10.05
CA ASN B 99 -14.32 11.10 -10.61
C ASN B 99 -14.07 11.67 -11.99
N VAL B 100 -14.32 10.86 -13.03
CA VAL B 100 -14.11 11.31 -14.40
C VAL B 100 -15.03 12.48 -14.74
N ASN B 101 -16.24 12.52 -14.15
CA ASN B 101 -17.12 13.66 -14.36
C ASN B 101 -16.54 14.95 -13.79
N LYS B 102 -15.53 14.85 -12.92
N LYS B 102 -15.53 14.85 -12.92
CA LYS B 102 -14.77 15.99 -12.43
CA LYS B 102 -14.78 16.00 -12.45
C LYS B 102 -13.43 16.13 -13.14
C LYS B 102 -13.42 16.12 -13.13
N GLY B 103 -13.18 15.35 -14.18
CA GLY B 103 -11.93 15.44 -14.92
C GLY B 103 -10.75 14.72 -14.28
N GLU B 104 -10.97 13.96 -13.21
CA GLU B 104 -9.86 13.29 -12.54
C GLU B 104 -9.34 12.13 -13.38
N ASP B 105 -8.09 11.74 -13.11
N ASP B 105 -8.09 11.75 -13.11
CA ASP B 105 -7.38 10.77 -13.92
CA ASP B 105 -7.39 10.78 -13.94
C ASP B 105 -7.89 9.37 -13.61
C ASP B 105 -7.89 9.38 -13.61
N ILE B 106 -8.47 8.71 -14.62
CA ILE B 106 -8.95 7.34 -14.46
C ILE B 106 -7.82 6.39 -14.06
N GLN B 107 -6.57 6.76 -14.33
N GLN B 107 -6.57 6.77 -14.32
CA GLN B 107 -5.45 5.90 -13.97
CA GLN B 107 -5.44 5.92 -13.98
C GLN B 107 -5.35 5.67 -12.47
C GLN B 107 -5.32 5.70 -12.47
N LEU B 108 -5.91 6.57 -11.65
CA LEU B 108 -5.86 6.43 -10.20
C LEU B 108 -6.80 5.36 -9.67
N LEU B 109 -7.58 4.72 -10.54
CA LEU B 109 -8.52 3.70 -10.12
C LEU B 109 -7.80 2.47 -9.55
N LYS B 110 -6.64 2.10 -10.11
CA LYS B 110 -5.93 0.96 -9.56
C LYS B 110 -5.48 1.22 -8.12
N SER B 111 -4.91 2.41 -7.87
CA SER B 111 -4.54 2.78 -6.51
C SER B 111 -5.74 2.70 -5.58
N ALA B 112 -6.90 3.18 -6.03
CA ALA B 112 -8.09 3.14 -5.19
C ALA B 112 -8.45 1.70 -4.82
N TYR B 113 -8.43 0.80 -5.79
CA TYR B 113 -8.75 -0.60 -5.50
C TYR B 113 -7.71 -1.27 -4.60
N GLU B 114 -6.46 -0.81 -4.64
CA GLU B 114 -5.44 -1.42 -3.77
C GLU B 114 -5.83 -1.30 -2.30
N ASN B 115 -6.62 -0.30 -1.94
CA ASN B 115 -7.06 -0.20 -0.54
C ASN B 115 -7.82 -1.43 -0.10
N PHE B 116 -8.53 -2.09 -1.02
CA PHE B 116 -9.32 -3.26 -0.64
C PHE B 116 -8.43 -4.39 -0.11
N ASN B 117 -7.16 -4.44 -0.55
CA ASN B 117 -6.27 -5.53 -0.16
C ASN B 117 -5.89 -5.49 1.31
N GLN B 118 -6.22 -4.42 2.01
CA GLN B 118 -5.96 -4.32 3.45
C GLN B 118 -7.06 -4.96 4.29
N HIS B 119 -8.05 -5.60 3.66
CA HIS B 119 -9.19 -6.18 4.36
C HIS B 119 -9.47 -7.55 3.77
N GLU B 120 -9.64 -8.56 4.63
N GLU B 120 -9.64 -8.55 4.63
CA GLU B 120 -9.75 -9.92 4.11
CA GLU B 120 -9.76 -9.92 4.14
C GLU B 120 -11.05 -10.15 3.34
C GLU B 120 -11.05 -10.14 3.34
N VAL B 121 -12.12 -9.46 3.70
CA VAL B 121 -13.41 -9.60 3.03
C VAL B 121 -14.16 -8.27 3.11
N LEU B 122 -14.78 -7.88 1.99
CA LEU B 122 -15.49 -6.60 1.88
C LEU B 122 -16.75 -6.76 1.06
N LEU B 123 -17.78 -6.00 1.44
CA LEU B 123 -18.93 -5.70 0.59
C LEU B 123 -18.68 -4.35 -0.06
N ALA B 124 -18.81 -4.27 -1.41
CA ALA B 124 -18.36 -3.06 -2.07
C ALA B 124 -19.18 -2.73 -3.31
N PRO B 125 -19.22 -1.45 -3.69
CA PRO B 125 -19.68 -1.06 -5.03
C PRO B 125 -18.47 -1.04 -5.98
N LEU B 126 -18.76 -0.89 -7.27
CA LEU B 126 -17.71 -0.66 -8.25
C LEU B 126 -17.21 0.77 -8.15
N LEU B 127 -15.92 0.93 -7.91
CA LEU B 127 -15.35 2.26 -7.73
C LEU B 127 -15.36 3.04 -9.04
N SER B 128 -15.58 4.34 -8.90
CA SER B 128 -15.58 5.32 -9.98
C SER B 128 -16.73 5.13 -10.97
N ALA B 129 -17.66 4.20 -10.69
CA ALA B 129 -18.83 3.98 -11.53
C ALA B 129 -19.92 4.98 -11.20
N GLY B 130 -21.03 4.87 -11.93
CA GLY B 130 -22.21 5.66 -11.61
C GLY B 130 -21.93 7.14 -11.74
N ILE B 131 -22.26 7.88 -10.67
CA ILE B 131 -22.13 9.33 -10.69
C ILE B 131 -20.67 9.78 -10.82
N PHE B 132 -19.71 8.87 -10.62
CA PHE B 132 -18.31 9.21 -10.81
C PHE B 132 -17.87 9.12 -12.27
N GLY B 133 -18.67 8.52 -13.15
CA GLY B 133 -18.49 8.69 -14.59
C GLY B 133 -17.58 7.71 -15.31
N ALA B 134 -16.94 6.78 -14.62
CA ALA B 134 -16.11 5.81 -15.34
C ALA B 134 -16.97 4.70 -15.91
N ASP B 135 -16.41 4.00 -16.90
CA ASP B 135 -17.08 2.84 -17.47
C ASP B 135 -17.11 1.73 -16.44
N PRO B 136 -18.28 1.25 -16.01
CA PRO B 136 -18.31 0.18 -15.00
C PRO B 136 -17.63 -1.09 -15.47
N ILE B 137 -17.62 -1.37 -16.78
CA ILE B 137 -16.90 -2.53 -17.30
C ILE B 137 -15.41 -2.39 -17.01
N HIS B 138 -14.87 -1.19 -17.19
CA HIS B 138 -13.47 -0.96 -16.85
C HIS B 138 -13.23 -1.06 -15.36
N SER B 139 -14.16 -0.55 -14.55
CA SER B 139 -13.98 -0.63 -13.11
C SER B 139 -13.94 -2.07 -12.65
N LEU B 140 -14.79 -2.93 -13.21
CA LEU B 140 -14.75 -4.34 -12.88
C LEU B 140 -13.42 -4.96 -13.29
N ARG B 141 -12.92 -4.58 -14.48
N ARG B 141 -12.92 -4.58 -14.48
CA ARG B 141 -11.62 -5.05 -14.95
CA ARG B 141 -11.61 -5.04 -14.95
C ARG B 141 -10.51 -4.71 -13.95
C ARG B 141 -10.52 -4.71 -13.96
N VAL B 142 -10.44 -3.44 -13.55
CA VAL B 142 -9.41 -3.04 -12.60
C VAL B 142 -9.59 -3.76 -11.27
N CYS B 143 -10.84 -3.93 -10.83
CA CYS B 143 -11.10 -4.66 -9.59
C CYS B 143 -10.49 -6.05 -9.66
N VAL B 144 -10.84 -6.81 -10.71
CA VAL B 144 -10.37 -8.18 -10.81
C VAL B 144 -8.85 -8.25 -10.92
N ASP B 145 -8.25 -7.27 -11.59
CA ASP B 145 -6.80 -7.28 -11.82
C ASP B 145 -6.02 -6.70 -10.65
N THR B 146 -6.69 -6.18 -9.62
CA THR B 146 -6.02 -5.50 -8.51
C THR B 146 -6.32 -6.11 -7.16
N VAL B 147 -7.58 -6.43 -6.90
CA VAL B 147 -7.98 -6.93 -5.59
C VAL B 147 -7.67 -8.41 -5.51
N ARG B 148 -7.03 -8.81 -4.41
CA ARG B 148 -6.71 -10.20 -4.14
C ARG B 148 -7.45 -10.75 -2.94
N THR B 149 -7.99 -9.88 -2.08
CA THR B 149 -8.83 -10.30 -0.97
C THR B 149 -10.25 -10.54 -1.48
N ASN B 150 -11.14 -11.00 -0.61
CA ASN B 150 -12.46 -11.45 -1.04
C ASN B 150 -13.40 -10.26 -1.12
N VAL B 151 -13.81 -9.90 -2.33
CA VAL B 151 -14.66 -8.74 -2.55
C VAL B 151 -15.99 -9.20 -3.15
N TYR B 152 -17.07 -8.76 -2.50
CA TYR B 152 -18.44 -9.06 -2.88
C TYR B 152 -19.06 -7.76 -3.41
N LEU B 153 -19.26 -7.70 -4.72
CA LEU B 153 -19.73 -6.50 -5.39
C LEU B 153 -21.25 -6.50 -5.49
N ALA B 154 -21.86 -5.39 -5.10
CA ALA B 154 -23.30 -5.18 -5.21
C ALA B 154 -23.57 -4.20 -6.35
N VAL B 155 -24.35 -4.65 -7.33
CA VAL B 155 -24.73 -3.83 -8.47
C VAL B 155 -26.24 -3.69 -8.44
N PHE B 156 -26.71 -2.45 -8.31
CA PHE B 156 -28.14 -2.20 -8.08
C PHE B 156 -28.99 -2.52 -9.31
N ASP B 157 -28.61 -2.02 -10.47
CA ASP B 157 -29.43 -2.14 -11.66
C ASP B 157 -29.22 -3.50 -12.33
N LYS B 158 -30.30 -4.28 -12.43
N LYS B 158 -30.29 -4.31 -12.39
CA LYS B 158 -30.23 -5.58 -13.10
CA LYS B 158 -30.21 -5.64 -12.99
C LYS B 158 -29.64 -5.48 -14.50
C LYS B 158 -29.64 -5.58 -14.40
N ASN B 159 -29.99 -4.44 -15.25
N ASN B 159 -29.95 -4.52 -15.15
CA ASN B 159 -29.49 -4.33 -16.62
CA ASN B 159 -29.48 -4.44 -16.53
C ASN B 159 -27.99 -4.05 -16.65
C ASN B 159 -27.97 -4.15 -16.59
N LEU B 160 -27.46 -3.32 -15.68
CA LEU B 160 -26.01 -3.13 -15.61
C LEU B 160 -25.34 -4.41 -15.14
N TYR B 161 -25.93 -5.08 -14.15
N TYR B 161 -25.93 -5.09 -14.15
CA TYR B 161 -25.43 -6.38 -13.71
CA TYR B 161 -25.41 -6.38 -13.71
C TYR B 161 -25.26 -7.32 -14.89
C TYR B 161 -25.26 -7.33 -14.89
N ASP B 162 -26.32 -7.43 -15.72
CA ASP B 162 -26.26 -8.33 -16.86
C ASP B 162 -25.17 -7.92 -17.84
N LYS B 163 -25.01 -6.63 -18.08
CA LYS B 163 -23.96 -6.18 -18.99
C LYS B 163 -22.57 -6.52 -18.44
N LEU B 164 -22.39 -6.36 -17.13
CA LEU B 164 -21.11 -6.66 -16.50
C LEU B 164 -20.80 -8.14 -16.55
N VAL B 165 -21.77 -8.98 -16.19
CA VAL B 165 -21.54 -10.43 -16.15
C VAL B 165 -21.35 -10.97 -17.56
N SER B 166 -22.27 -10.59 -18.47
CA SER B 166 -22.28 -11.18 -19.80
C SER B 166 -21.03 -10.81 -20.59
N SER B 167 -20.40 -9.68 -20.29
CA SER B 167 -19.22 -9.23 -21.01
C SER B 167 -17.90 -9.56 -20.30
N PHE B 168 -17.94 -10.05 -19.06
CA PHE B 168 -16.69 -10.35 -18.35
C PHE B 168 -15.94 -11.52 -18.98
N LEU B 169 -16.70 -12.49 -19.51
CA LEU B 169 -16.11 -13.67 -20.13
C LEU B 169 -16.91 -14.20 -21.32
S DMS C . 28.20 -3.83 3.70
O DMS C . 28.37 -3.85 2.20
C1 DMS C . 27.41 -2.25 4.15
C2 DMS C . 29.86 -3.57 4.39
H11 DMS C . 27.32 -2.26 5.19
H12 DMS C . 26.49 -2.22 3.68
H13 DMS C . 28.06 -1.52 3.81
H21 DMS C . 30.06 -2.57 4.21
H22 DMS C . 29.80 -3.77 5.42
H23 DMS C . 30.51 -4.21 3.90
N2 A1A56 D . 18.58 -3.17 5.09
C3 A1A56 D . 17.54 -5.36 4.88
C6 A1A56 D . 19.19 -0.04 3.35
C9 A1A56 D . 20.17 -1.08 7.24
C1 A1A56 D . 19.91 -6.11 5.47
C10 A1A56 D . 20.77 0.15 7.53
C11 A1A56 D . 18.89 -3.97 6.30
C2 A1A56 D . 18.62 -5.47 5.98
C4 A1A56 D . 17.85 -4.03 4.14
C5 A1A56 D . 19.03 -1.85 4.86
C7 A1A56 D . 20.05 0.26 5.40
C8 A1A56 D . 19.70 -1.05 5.86
N1 A1A56 D . 20.54 -7.13 6.21
N3 A1A56 D . 18.78 -1.31 3.63
N4 A1A56 D . 19.82 0.78 4.18
N5 A1A56 D . 20.68 0.93 6.40
O1 A1A56 D . 20.37 -5.70 4.42
O2 A1A56 D . 18.16 -6.11 7.16
H4 A1A56 D . 16.52 -5.42 5.29
H5 A1A56 D . 17.58 -6.26 4.19
H8 A1A56 D . 19.02 0.42 2.33
H9 A1A56 D . 20.13 -1.85 7.96
H10 A1A56 D . 21.26 0.61 8.37
H13 A1A56 D . 19.93 -3.87 6.67
H12 A1A56 D . 18.23 -3.67 7.16
H7 A1A56 D . 16.91 -3.55 3.81
H6 A1A56 D . 18.38 -4.23 3.19
H2 A1A56 D . 20.21 -7.49 7.07
H1 A1A56 D . 21.38 -7.57 5.91
H11 A1A56 D . 21.03 1.90 6.35
H3 A1A56 D . 17.34 -6.59 6.99
O1 A1A57 E . 23.94 2.29 12.37
C1 A1A57 E . 24.98 1.97 11.81
C2 A1A57 E . 24.91 1.13 10.45
C3 A1A57 E . 24.77 -0.33 10.82
C4 A1A57 E . 23.25 -0.50 11.03
C5 A1A57 E . 21.66 -0.57 9.05
C6 A1A57 E . 20.43 -2.65 8.95
C7 A1A57 E . 20.21 -1.29 7.20
C8 A1A57 E . 21.10 -0.25 7.74
C10 A1A57 E . 20.27 0.35 5.66
C11 A1A57 E . 23.55 1.36 9.58
C9 A1A57 E . 21.08 0.77 6.69
N1 A1A57 E . 26.23 2.32 12.39
N2 A1A57 E . 22.58 0.21 9.91
N3 A1A57 E . 21.27 -1.77 9.58
N4 A1A57 E . 19.85 -2.48 7.76
N5 A1A57 E . 19.77 -0.88 5.98
O2 A1A57 E . 26.04 1.39 9.70
H4 A1A57 E . 25.18 -1.03 10.04
H5 A1A57 E . 25.36 -0.60 11.73
H6 A1A57 E . 22.95 -0.13 12.03
H7 A1A57 E . 23.01 -1.59 11.07
H8 A1A57 E . 20.18 -3.61 9.44
H10 A1A57 E . 19.94 0.74 4.69
H12 A1A57 E . 23.12 2.36 9.84
H13 A1A57 E . 23.83 1.43 8.51
H9 A1A57 E . 21.59 1.73 6.65
H2 A1A57 E . 27.12 2.08 11.99
H1 A1A57 E . 26.32 2.83 13.25
H11 A1A57 E . 19.12 -1.41 5.37
H3 A1A57 E . 25.94 2.20 9.18
CL CL F . 15.56 -4.71 7.96
#